data_6A8N
#
_entry.id   6A8N
#
_cell.length_a   112.028
_cell.length_b   112.028
_cell.length_c   102.214
_cell.angle_alpha   90.000
_cell.angle_beta   90.000
_cell.angle_gamma   120.000
#
_symmetry.space_group_name_H-M   'P 31 2 1'
#
loop_
_entity.id
_entity.type
_entity.pdbx_description
1 polymer 'Urokinase-type plasminogen activator B'
2 polymer CYS-PRO-ALA-TYR-SER-ARG-TYR-ILE-GLY-CYS
#
loop_
_entity_poly.entity_id
_entity_poly.type
_entity_poly.pdbx_seq_one_letter_code
_entity_poly.pdbx_strand_id
1 'polypeptide(L)'
;IVGGEFTEVENQPWFAAIYQKNKGGSPPSFKCGGSLISPCWVASAAHCFIQLPKKENYVVYLGQSKESSYNPGEMKFEVE
QLILHEYYREDSLAYHNDIALLKIRTSTGQCAQPSRSIQTIALPPRFTDAPFGSDCEITGFGKESESDYLYPKNLKMSVV
KLVSHEQCMQPHYYGSEINYKMLCAADPEWKTDSCKGDSGGPLICNIEGRPTLSGIVSWGRGCAEKNKPGVYTRVSHFLD
WIQSHIG
;
A,B
2 'polypeptide(L)' CPAYSRYIGC P,C
#
# COMPACT_ATOMS: atom_id res chain seq x y z
N ILE A 1 17.08 -10.88 3.40
CA ILE A 1 16.20 -10.45 2.35
C ILE A 1 16.91 -10.59 1.00
N VAL A 2 16.28 -11.33 0.10
CA VAL A 2 16.76 -11.50 -1.27
C VAL A 2 16.10 -10.42 -2.11
N GLY A 3 16.90 -9.77 -2.96
CA GLY A 3 16.39 -8.66 -3.73
C GLY A 3 16.09 -7.46 -2.84
N GLY A 4 15.18 -6.61 -3.31
CA GLY A 4 14.87 -5.38 -2.60
C GLY A 4 16.09 -4.49 -2.54
N GLU A 5 16.15 -3.65 -1.51
CA GLU A 5 17.26 -2.73 -1.36
C GLU A 5 17.62 -2.60 0.11
N PHE A 6 18.85 -2.15 0.36
CA PHE A 6 19.22 -1.71 1.71
C PHE A 6 18.50 -0.41 2.05
N THR A 7 18.08 -0.29 3.31
CA THR A 7 17.29 0.85 3.75
C THR A 7 17.60 1.15 5.21
N GLU A 8 17.30 2.39 5.62
CA GLU A 8 17.36 2.81 7.01
C GLU A 8 16.05 2.48 7.72
N VAL A 9 16.14 2.40 9.06
CA VAL A 9 15.02 1.92 9.88
C VAL A 9 13.84 2.91 9.85
N GLU A 10 14.07 4.16 9.43
CA GLU A 10 12.96 5.10 9.27
C GLU A 10 11.92 4.63 8.27
N ASN A 11 12.28 3.75 7.33
CA ASN A 11 11.28 3.13 6.46
C ASN A 11 10.59 1.92 7.09
N GLN A 12 11.11 1.40 8.21
CA GLN A 12 10.55 0.23 8.88
C GLN A 12 10.58 0.48 10.39
N PRO A 13 10.00 1.58 10.85
CA PRO A 13 10.28 2.05 12.22
C PRO A 13 9.72 1.14 13.31
N TRP A 14 8.90 0.16 12.95
CA TRP A 14 8.42 -0.83 13.88
C TRP A 14 9.37 -2.01 14.02
N PHE A 15 10.43 -2.07 13.22
CA PHE A 15 11.26 -3.26 13.19
C PHE A 15 12.06 -3.41 14.49
N ALA A 16 12.01 -4.61 15.07
CA ALA A 16 12.70 -4.94 16.32
C ALA A 16 13.78 -5.97 16.05
N ALA A 17 15.01 -5.68 16.48
CA ALA A 17 16.11 -6.61 16.33
C ALA A 17 16.29 -7.37 17.64
N ILE A 18 16.11 -8.68 17.60
CA ILE A 18 16.08 -9.52 18.80
C ILE A 18 17.39 -10.29 18.88
N TYR A 19 18.12 -10.10 19.98
CA TYR A 19 19.40 -10.74 20.20
C TYR A 19 19.34 -11.63 21.43
N GLN A 20 20.30 -12.55 21.52
CA GLN A 20 20.46 -13.45 22.64
C GLN A 20 21.77 -13.11 23.37
N LYS A 21 21.71 -13.08 24.70
CA LYS A 21 22.92 -12.77 25.46
C LYS A 21 23.90 -13.94 25.40
N ASN A 22 25.18 -13.61 25.50
CA ASN A 22 26.28 -14.56 25.38
C ASN A 22 27.12 -14.56 26.65
N LYS A 23 27.81 -15.67 26.89
CA LYS A 23 28.63 -15.83 28.10
C LYS A 23 30.02 -15.25 27.90
N SER A 26 31.62 -10.42 25.58
CA SER A 26 30.79 -11.40 24.89
C SER A 26 29.46 -10.77 24.44
N PRO A 27 29.53 -9.99 23.36
CA PRO A 27 28.37 -9.21 22.96
C PRO A 27 27.26 -10.10 22.42
N PRO A 28 26.01 -9.66 22.47
CA PRO A 28 24.89 -10.53 22.10
C PRO A 28 24.86 -10.80 20.61
N SER A 29 24.31 -11.96 20.25
CA SER A 29 24.21 -12.42 18.86
C SER A 29 22.81 -12.14 18.30
N PHE A 30 22.76 -11.54 17.13
CA PHE A 30 21.47 -11.31 16.49
C PHE A 30 20.80 -12.64 16.19
N LYS A 31 19.48 -12.68 16.38
CA LYS A 31 18.79 -13.97 16.24
C LYS A 31 17.54 -13.91 15.39
N CYS A 32 16.71 -12.88 15.56
CA CYS A 32 15.42 -12.83 14.89
C CYS A 32 14.96 -11.39 14.76
N GLY A 33 14.10 -11.15 13.76
CA GLY A 33 13.34 -9.92 13.69
C GLY A 33 12.12 -9.94 14.59
N GLY A 34 11.38 -8.84 14.53
CA GLY A 34 10.20 -8.65 15.36
C GLY A 34 9.57 -7.32 15.00
N SER A 35 8.40 -7.08 15.58
CA SER A 35 7.61 -5.91 15.23
C SER A 35 7.01 -5.31 16.48
N LEU A 36 7.14 -3.99 16.63
CA LEU A 36 6.53 -3.28 17.75
C LEU A 36 5.06 -3.05 17.44
N ILE A 37 4.19 -3.63 18.25
CA ILE A 37 2.74 -3.51 18.04
C ILE A 37 2.07 -2.69 19.12
N SER A 38 2.80 -2.32 20.18
CA SER A 38 2.42 -1.29 21.12
C SER A 38 3.68 -0.90 21.89
N PRO A 39 3.67 0.26 22.58
CA PRO A 39 4.91 0.75 23.22
C PRO A 39 5.68 -0.29 24.03
N CYS A 40 4.98 -1.16 24.76
CA CYS A 40 5.62 -2.12 25.64
C CYS A 40 5.68 -3.53 25.05
N TRP A 41 5.21 -3.75 23.82
CA TRP A 41 5.06 -5.13 23.33
C TRP A 41 5.59 -5.31 21.92
N VAL A 42 6.32 -6.41 21.74
CA VAL A 42 6.92 -6.82 20.48
C VAL A 42 6.40 -8.22 20.13
N ALA A 43 5.88 -8.37 18.92
CA ALA A 43 5.49 -9.65 18.37
C ALA A 43 6.63 -10.20 17.50
N SER A 44 6.80 -11.52 17.51
CA SER A 44 7.86 -12.17 16.75
C SER A 44 7.48 -13.65 16.62
N ALA A 45 8.44 -14.47 16.20
CA ALA A 45 8.18 -15.90 16.01
C ALA A 45 8.57 -16.70 17.25
N ALA A 46 7.67 -17.59 17.69
CA ALA A 46 7.98 -18.46 18.81
C ALA A 46 9.19 -19.35 18.55
N HIS A 47 9.40 -19.76 17.30
CA HIS A 47 10.55 -20.62 16.97
C HIS A 47 11.88 -19.95 17.32
N CYS A 48 11.92 -18.63 17.46
CA CYS A 48 13.13 -17.91 17.85
C CYS A 48 13.57 -18.19 19.27
N PHE A 49 12.71 -18.77 20.10
CA PHE A 49 12.96 -18.85 21.52
C PHE A 49 12.99 -20.28 22.03
N ILE A 50 12.70 -21.27 21.19
CA ILE A 50 12.56 -22.65 21.64
C ILE A 50 13.87 -23.17 22.25
N GLN A 51 15.00 -22.92 21.59
CA GLN A 51 16.27 -23.48 22.04
C GLN A 51 16.70 -22.92 23.38
N LEU A 52 16.15 -21.76 23.77
CA LEU A 52 16.47 -21.16 25.06
C LEU A 52 15.30 -20.28 25.48
N PRO A 53 14.27 -20.87 26.08
CA PRO A 53 13.02 -20.14 26.30
C PRO A 53 12.95 -19.41 27.63
N LYS A 54 13.92 -18.52 27.87
CA LYS A 54 13.95 -17.73 29.09
C LYS A 54 14.09 -16.25 28.72
N LYS A 55 13.19 -15.42 29.24
CA LYS A 55 13.21 -14.00 28.90
C LYS A 55 14.57 -13.37 29.21
N GLU A 56 15.21 -13.84 30.29
CA GLU A 56 16.43 -13.21 30.76
C GLU A 56 17.53 -13.21 29.69
N ASN A 57 17.47 -14.10 28.71
CA ASN A 57 18.59 -14.37 27.82
C ASN A 57 18.52 -13.56 26.53
N TYR A 58 17.58 -12.61 26.44
CA TYR A 58 17.35 -11.88 25.22
C TYR A 58 17.36 -10.39 25.49
N VAL A 59 17.79 -9.65 24.49
CA VAL A 59 17.74 -8.19 24.51
C VAL A 59 17.13 -7.75 23.19
N VAL A 60 16.24 -6.76 23.25
CA VAL A 60 15.56 -6.25 22.07
C VAL A 60 16.02 -4.82 21.84
N TYR A 61 16.37 -4.50 20.59
CA TYR A 61 16.73 -3.16 20.16
C TYR A 61 15.71 -2.65 19.15
N LEU A 62 15.21 -1.44 19.37
CA LEU A 62 14.42 -0.74 18.38
C LEU A 62 15.26 0.38 17.77
N GLY A 63 14.97 0.69 16.50
CA GLY A 63 15.63 1.79 15.84
C GLY A 63 16.98 1.49 15.22
N GLN A 64 17.21 0.26 14.77
CA GLN A 64 18.50 -0.19 14.28
C GLN A 64 18.45 -0.34 12.77
N SER A 65 19.44 0.25 12.08
CA SER A 65 19.65 -0.03 10.66
C SER A 65 20.82 -0.97 10.43
N LYS A 66 21.75 -1.02 11.38
CA LYS A 66 22.96 -1.82 11.29
C LYS A 66 22.96 -2.74 12.50
N GLU A 67 22.88 -4.03 12.26
CA GLU A 67 22.82 -5.00 13.33
C GLU A 67 24.16 -5.16 14.04
N SER A 68 24.12 -5.28 15.37
CA SER A 68 25.28 -5.56 16.21
C SER A 68 26.27 -4.41 16.27
N SER A 69 25.82 -3.19 16.04
CA SER A 69 26.61 -2.04 16.42
C SER A 69 25.65 -0.96 16.91
N TYR A 70 26.20 0.08 17.53
CA TYR A 70 25.34 1.12 18.08
C TYR A 70 24.71 1.92 16.95
N ASN A 71 23.44 2.27 17.11
CA ASN A 71 22.69 3.03 16.11
C ASN A 71 22.19 4.32 16.73
N PRO A 72 22.42 5.47 16.12
CA PRO A 72 21.88 6.72 16.68
C PRO A 72 20.38 6.58 16.82
N GLY A 73 19.86 6.98 17.98
CA GLY A 73 18.44 6.88 18.25
C GLY A 73 17.97 5.51 18.72
N GLU A 74 18.87 4.53 18.83
CA GLU A 74 18.61 3.21 19.40
C GLU A 74 17.84 3.22 20.71
N MET A 75 17.08 2.19 20.97
CA MET A 75 16.59 1.92 22.32
C MET A 75 16.79 0.45 22.62
N LYS A 76 17.46 0.19 23.75
CA LYS A 76 17.77 -1.14 24.27
C LYS A 76 16.75 -1.55 25.34
N PHE A 77 16.19 -2.75 25.22
CA PHE A 77 15.17 -3.22 26.15
C PHE A 77 15.52 -4.58 26.70
N GLU A 78 15.13 -4.80 27.97
CA GLU A 78 15.07 -6.12 28.56
C GLU A 78 13.70 -6.73 28.27
N VAL A 79 13.64 -8.05 28.25
CA VAL A 79 12.38 -8.76 28.04
C VAL A 79 11.77 -9.00 29.41
N GLU A 80 10.71 -8.25 29.71
CA GLU A 80 10.04 -8.41 30.99
C GLU A 80 9.17 -9.65 31.01
N GLN A 81 8.62 -10.02 29.86
CA GLN A 81 7.72 -11.16 29.77
C GLN A 81 7.91 -11.79 28.41
N LEU A 82 8.02 -13.11 28.37
CA LEU A 82 8.21 -13.86 27.14
C LEU A 82 7.03 -14.82 27.04
N ILE A 83 6.17 -14.62 26.05
CA ILE A 83 4.99 -15.46 25.86
C ILE A 83 5.09 -16.13 24.50
N LEU A 84 5.09 -17.46 24.49
CA LEU A 84 5.10 -18.27 23.29
C LEU A 84 3.75 -18.94 23.15
N HIS A 85 3.27 -19.07 21.92
CA HIS A 85 1.92 -19.59 21.75
C HIS A 85 1.79 -21.01 22.32
N GLU A 86 0.72 -21.23 23.05
CA GLU A 86 0.52 -22.50 23.75
C GLU A 86 0.46 -23.67 22.79
N TYR A 87 0.13 -23.44 21.52
CA TYR A 87 0.01 -24.53 20.55
C TYR A 87 1.17 -24.52 19.55
N TYR A 88 2.27 -23.85 19.88
CA TYR A 88 3.45 -23.90 19.03
C TYR A 88 3.87 -25.35 18.81
N ARG A 89 4.27 -25.66 17.58
CA ARG A 89 4.60 -27.02 17.19
C ARG A 89 5.52 -27.01 15.97
N GLU A 90 6.43 -27.98 15.93
CA GLU A 90 7.30 -28.26 14.78
C GLU A 90 6.95 -29.62 14.20
N ASP A 91 7.09 -29.75 12.87
CA ASP A 91 6.59 -30.98 12.25
C ASP A 91 7.51 -31.52 11.15
N SER A 92 8.79 -31.21 11.18
CA SER A 92 9.81 -31.78 10.29
C SER A 92 9.96 -31.02 8.97
N LEU A 93 8.90 -30.34 8.52
CA LEU A 93 9.03 -29.37 7.44
C LEU A 93 8.93 -27.93 7.91
N ALA A 94 7.97 -27.63 8.80
CA ALA A 94 7.51 -26.26 9.01
C ALA A 94 7.18 -26.02 10.47
N TYR A 95 6.85 -24.78 10.78
CA TYR A 95 6.36 -24.38 12.10
C TYR A 95 4.85 -24.22 12.07
N HIS A 96 4.24 -24.36 13.24
CA HIS A 96 2.82 -24.11 13.44
C HIS A 96 2.65 -23.18 14.62
N ASN A 97 1.61 -22.35 14.55
CA ASN A 97 1.25 -21.47 15.65
C ASN A 97 2.44 -20.63 16.07
N ASP A 98 3.18 -20.19 15.07
CA ASP A 98 4.53 -19.68 15.29
C ASP A 98 4.41 -18.18 15.60
N ILE A 99 4.26 -17.85 16.87
CA ILE A 99 4.09 -16.45 17.27
C ILE A 99 4.49 -16.31 18.73
N ALA A 100 5.17 -15.22 19.05
CA ALA A 100 5.60 -14.92 20.40
C ALA A 100 5.34 -13.45 20.72
N LEU A 101 5.06 -13.17 21.99
CA LEU A 101 4.97 -11.79 22.50
C LEU A 101 6.11 -11.51 23.45
N LEU A 102 6.66 -10.29 23.39
CA LEU A 102 7.75 -9.89 24.27
C LEU A 102 7.40 -8.55 24.91
N LYS A 103 7.17 -8.55 26.20
CA LYS A 103 6.99 -7.28 26.90
C LYS A 103 8.38 -6.72 27.18
N ILE A 104 8.63 -5.52 26.69
CA ILE A 104 9.96 -4.94 26.71
C ILE A 104 10.00 -3.78 27.68
N ARG A 105 11.17 -3.56 28.26
CA ARG A 105 11.37 -2.49 29.22
C ARG A 105 12.86 -2.20 29.33
N THR A 106 13.22 -0.91 29.36
CA THR A 106 14.60 -0.52 29.56
C THR A 106 15.01 -0.71 31.03
N SER A 107 16.30 -0.46 31.29
CA SER A 107 16.80 -0.53 32.65
C SER A 107 16.23 0.56 33.54
N THR A 108 15.77 1.66 32.96
CA THR A 108 15.13 2.73 33.70
C THR A 108 13.60 2.60 33.71
N GLY A 109 13.06 1.46 33.27
CA GLY A 109 11.64 1.19 33.38
C GLY A 109 10.77 1.61 32.22
N GLN A 110 11.33 2.21 31.16
CA GLN A 110 10.48 2.77 30.11
C GLN A 110 10.11 1.74 29.04
N CYS A 111 9.01 2.02 28.36
CA CYS A 111 8.67 1.33 27.13
C CYS A 111 9.17 2.18 25.96
N ALA A 112 8.85 1.79 24.73
CA ALA A 112 9.33 2.50 23.56
C ALA A 112 8.86 3.95 23.58
N GLN A 113 9.76 4.86 23.18
CA GLN A 113 9.40 6.26 22.97
C GLN A 113 9.33 6.52 21.48
N PRO A 114 8.17 6.91 20.94
CA PRO A 114 8.09 7.12 19.49
C PRO A 114 9.09 8.16 19.02
N SER A 115 9.71 7.89 17.89
CA SER A 115 10.61 8.80 17.23
C SER A 115 10.45 8.58 15.73
N ARG A 116 11.29 9.24 14.94
CA ARG A 116 11.28 8.94 13.51
C ARG A 116 11.67 7.50 13.23
N SER A 117 12.42 6.89 14.13
CA SER A 117 12.95 5.54 13.93
C SER A 117 12.27 4.49 14.78
N ILE A 118 11.31 4.85 15.63
CA ILE A 118 10.66 3.90 16.52
C ILE A 118 9.16 4.19 16.53
N GLN A 119 8.38 3.35 15.85
CA GLN A 119 6.93 3.51 15.78
C GLN A 119 6.27 2.15 15.94
N THR A 120 5.09 2.14 16.53
CA THR A 120 4.33 0.92 16.51
C THR A 120 3.74 0.70 15.12
N ILE A 121 3.31 -0.52 14.87
CA ILE A 121 2.64 -0.89 13.63
C ILE A 121 1.29 -1.44 14.00
N ALA A 122 0.30 -1.21 13.15
CA ALA A 122 -1.08 -1.55 13.48
C ALA A 122 -1.34 -3.04 13.31
N LEU A 123 -2.12 -3.61 14.22
CA LEU A 123 -2.63 -4.94 14.02
C LEU A 123 -3.69 -4.91 12.92
N PRO A 124 -4.01 -6.04 12.31
CA PRO A 124 -5.02 -6.05 11.25
C PRO A 124 -6.43 -5.98 11.83
N PRO A 125 -7.39 -5.42 11.08
CA PRO A 125 -8.78 -5.36 11.55
C PRO A 125 -9.36 -6.75 11.66
N ARG A 126 -10.51 -6.85 12.33
CA ARG A 126 -11.19 -8.14 12.43
C ARG A 126 -11.59 -8.66 11.05
N PHE A 127 -12.06 -7.78 10.14
CA PHE A 127 -12.32 -8.28 8.79
C PHE A 127 -12.18 -7.29 7.63
N THR A 128 -12.50 -6.02 7.84
CA THR A 128 -12.65 -4.98 6.80
C THR A 128 -13.49 -5.37 5.56
N ASP A 129 -14.45 -4.51 5.23
CA ASP A 129 -14.95 -4.41 3.86
C ASP A 129 -14.18 -3.30 3.16
N ALA A 130 -13.78 -3.56 1.91
CA ALA A 130 -12.95 -2.79 0.98
C ALA A 130 -11.65 -3.54 0.70
N PRO A 131 -11.40 -3.94 -0.55
CA PRO A 131 -10.16 -4.62 -0.88
C PRO A 131 -8.95 -3.70 -0.69
N PHE A 132 -7.82 -4.33 -0.45
CA PHE A 132 -6.55 -3.64 -0.37
C PHE A 132 -5.59 -4.36 -1.30
N GLY A 133 -4.41 -3.77 -1.49
CA GLY A 133 -3.41 -4.42 -2.30
C GLY A 133 -2.74 -5.56 -1.57
N SER A 134 -2.30 -6.55 -2.34
CA SER A 134 -1.66 -7.73 -1.80
C SER A 134 -0.15 -7.67 -1.95
N ASP A 135 0.38 -6.50 -2.35
CA ASP A 135 1.80 -6.24 -2.28
C ASP A 135 2.14 -5.77 -0.88
N CYS A 136 2.98 -6.52 -0.19
CA CYS A 136 3.31 -6.22 1.19
C CYS A 136 4.82 -6.16 1.32
N GLU A 137 5.29 -5.36 2.27
CA GLU A 137 6.72 -5.20 2.49
C GLU A 137 7.24 -6.28 3.43
N ILE A 138 8.51 -6.62 3.25
CA ILE A 138 9.26 -7.43 4.20
C ILE A 138 10.60 -6.76 4.42
N THR A 139 11.16 -6.94 5.62
CA THR A 139 12.39 -6.29 6.02
C THR A 139 13.13 -7.19 7.00
N GLY A 140 14.46 -7.05 7.05
CA GLY A 140 15.23 -7.76 8.04
C GLY A 140 16.71 -7.78 7.72
N PHE A 141 17.43 -8.56 8.54
CA PHE A 141 18.89 -8.71 8.45
C PHE A 141 19.29 -10.06 7.89
N GLY A 142 18.34 -10.82 7.34
CA GLY A 142 18.65 -12.16 6.86
C GLY A 142 19.51 -12.18 5.62
N LYS A 143 19.83 -13.40 5.19
CA LYS A 143 20.72 -13.60 4.05
C LYS A 143 20.17 -12.95 2.78
N GLU A 144 21.06 -12.66 1.86
CA GLU A 144 20.66 -12.10 0.58
C GLU A 144 20.51 -13.16 -0.50
N SER A 145 20.92 -14.39 -0.23
CA SER A 145 20.59 -15.51 -1.10
C SER A 145 20.63 -16.79 -0.28
N GLU A 146 19.76 -17.73 -0.64
CA GLU A 146 19.68 -18.99 0.09
C GLU A 146 21.01 -19.71 0.18
N SER A 147 21.91 -19.49 -0.77
CA SER A 147 23.17 -20.19 -0.77
C SER A 147 24.32 -19.34 -0.23
N ASP A 148 24.03 -18.14 0.24
CA ASP A 148 25.06 -17.35 0.91
C ASP A 148 25.43 -18.01 2.22
N TYR A 149 26.72 -18.17 2.46
CA TYR A 149 27.19 -18.05 3.84
C TYR A 149 27.18 -16.55 4.16
N LEU A 150 27.39 -16.20 5.41
CA LEU A 150 27.52 -14.78 5.79
C LEU A 150 26.25 -13.94 5.61
N TYR A 151 26.09 -12.93 6.48
CA TYR A 151 24.87 -12.16 6.57
C TYR A 151 25.18 -10.70 6.32
N PRO A 152 24.19 -9.92 5.84
CA PRO A 152 24.49 -8.58 5.32
C PRO A 152 24.76 -7.47 6.33
N LYS A 153 24.36 -7.60 7.59
CA LYS A 153 24.73 -6.59 8.60
C LYS A 153 23.94 -5.26 8.54
N ASN A 154 23.46 -4.85 7.37
CA ASN A 154 22.62 -3.67 7.27
C ASN A 154 21.21 -4.09 6.88
N LEU A 155 20.24 -3.28 7.30
CA LEU A 155 18.84 -3.58 7.08
C LEU A 155 18.46 -3.50 5.60
N LYS A 156 17.68 -4.49 5.15
CA LYS A 156 17.10 -4.52 3.81
C LYS A 156 15.58 -4.58 3.90
N MET A 157 14.94 -4.18 2.81
CA MET A 157 13.49 -4.28 2.68
C MET A 157 13.14 -4.55 1.23
N SER A 158 11.95 -5.11 1.03
CA SER A 158 11.51 -5.51 -0.29
C SER A 158 9.98 -5.62 -0.30
N VAL A 159 9.45 -5.95 -1.47
CA VAL A 159 8.02 -6.05 -1.71
C VAL A 159 7.73 -7.45 -2.23
N VAL A 160 6.80 -8.14 -1.57
CA VAL A 160 6.29 -9.40 -2.10
C VAL A 160 4.80 -9.26 -2.23
N LYS A 161 4.19 -10.23 -2.90
CA LYS A 161 2.76 -10.30 -3.10
C LYS A 161 2.17 -11.49 -2.35
N LEU A 162 1.05 -11.28 -1.67
CA LEU A 162 0.34 -12.39 -1.04
C LEU A 162 -0.03 -13.46 -2.06
N VAL A 163 0.04 -14.72 -1.64
CA VAL A 163 -0.36 -15.86 -2.46
C VAL A 163 -1.52 -16.55 -1.76
N SER A 164 -2.59 -16.80 -2.50
CA SER A 164 -3.77 -17.43 -1.92
C SER A 164 -3.43 -18.76 -1.27
N HIS A 165 -4.15 -19.08 -0.20
CA HIS A 165 -4.04 -20.39 0.42
C HIS A 165 -4.23 -21.50 -0.60
N GLU A 166 -5.25 -21.35 -1.44
CA GLU A 166 -5.53 -22.36 -2.46
C GLU A 166 -4.33 -22.57 -3.35
N GLN A 167 -3.66 -21.50 -3.76
CA GLN A 167 -2.43 -21.65 -4.55
C GLN A 167 -1.32 -22.28 -3.71
N CYS A 168 -1.12 -21.80 -2.48
CA CYS A 168 -0.01 -22.27 -1.67
C CYS A 168 -0.14 -23.75 -1.30
N MET A 169 -1.36 -24.29 -1.31
CA MET A 169 -1.61 -25.68 -0.95
C MET A 169 -1.57 -26.61 -2.14
N GLN A 170 -1.37 -26.08 -3.34
CA GLN A 170 -1.14 -26.94 -4.48
C GLN A 170 0.06 -27.83 -4.21
N PRO A 171 0.05 -29.09 -4.66
CA PRO A 171 1.20 -29.96 -4.35
C PRO A 171 2.52 -29.41 -4.88
N HIS A 172 2.50 -28.74 -6.04
CA HIS A 172 3.68 -28.08 -6.57
C HIS A 172 4.22 -27.05 -5.60
N TYR A 173 3.36 -26.49 -4.74
CA TYR A 173 3.79 -25.51 -3.75
C TYR A 173 4.09 -26.24 -2.45
N TYR A 174 3.23 -26.12 -1.43
CA TYR A 174 3.48 -26.78 -0.16
C TYR A 174 2.45 -27.85 0.19
N GLY A 175 1.48 -28.13 -0.69
CA GLY A 175 0.50 -29.14 -0.39
C GLY A 175 -0.17 -28.91 0.95
N SER A 176 -0.46 -30.02 1.63
CA SER A 176 -1.22 -30.04 2.88
C SER A 176 -0.50 -29.41 4.04
N GLU A 177 0.75 -29.00 3.88
CA GLU A 177 1.46 -28.35 4.98
C GLU A 177 0.93 -26.94 5.27
N ILE A 178 0.26 -26.29 4.31
CA ILE A 178 -0.31 -24.97 4.51
C ILE A 178 -1.73 -25.12 5.08
N ASN A 179 -2.06 -24.35 6.11
CA ASN A 179 -3.44 -24.29 6.59
C ASN A 179 -3.88 -22.84 6.72
N TYR A 180 -5.11 -22.65 7.19
CA TYR A 180 -5.71 -21.32 7.25
C TYR A 180 -4.96 -20.38 8.19
N LYS A 181 -4.09 -20.89 9.06
CA LYS A 181 -3.38 -20.03 9.99
C LYS A 181 -2.10 -19.44 9.39
N MET A 182 -1.73 -19.87 8.20
CA MET A 182 -0.52 -19.39 7.56
C MET A 182 -0.88 -18.43 6.44
N LEU A 183 0.10 -17.61 6.08
CA LEU A 183 0.00 -16.62 5.02
C LEU A 183 1.21 -16.81 4.12
N CYS A 184 0.97 -17.09 2.85
CA CYS A 184 2.06 -17.18 1.89
C CYS A 184 2.25 -15.87 1.15
N ALA A 185 3.52 -15.56 0.84
CA ALA A 185 3.83 -14.41 0.02
C ALA A 185 5.06 -14.73 -0.81
N ALA A 186 5.00 -14.37 -2.10
CA ALA A 186 6.12 -14.57 -3.01
C ALA A 186 6.12 -13.47 -4.05
N ASP A 187 7.25 -13.39 -4.75
CA ASP A 187 7.43 -12.51 -5.90
C ASP A 187 6.89 -13.22 -7.13
N PRO A 188 6.06 -12.57 -7.95
CA PRO A 188 5.57 -13.26 -9.16
C PRO A 188 6.69 -13.72 -10.06
N GLU A 189 7.86 -13.09 -10.01
CA GLU A 189 8.99 -13.55 -10.80
C GLU A 189 9.99 -14.34 -9.97
N TRP A 190 9.72 -14.53 -8.66
CA TRP A 190 10.55 -15.36 -7.79
C TRP A 190 11.94 -14.76 -7.59
N LYS A 191 11.99 -13.46 -7.37
CA LYS A 191 13.26 -12.76 -7.32
C LYS A 191 13.47 -12.03 -6.02
N THR A 192 12.45 -11.88 -5.20
CA THR A 192 12.65 -11.31 -3.89
C THR A 192 11.85 -12.13 -2.88
N ASP A 193 12.43 -12.32 -1.70
CA ASP A 193 11.84 -13.15 -0.65
C ASP A 193 12.55 -12.83 0.66
N SER A 194 11.90 -13.18 1.76
CA SER A 194 12.60 -13.25 3.04
C SER A 194 13.50 -14.48 3.04
N CYS A 195 14.48 -14.49 3.93
CA CYS A 195 15.47 -15.56 3.90
C CYS A 195 15.90 -15.91 5.32
N LYS A 196 16.82 -16.87 5.40
CA LYS A 196 17.42 -17.23 6.68
C LYS A 196 17.86 -15.99 7.42
N GLY A 197 17.46 -15.90 8.69
CA GLY A 197 17.79 -14.74 9.49
C GLY A 197 16.80 -13.61 9.42
N ASP A 198 15.87 -13.64 8.47
CA ASP A 198 14.75 -12.71 8.54
C ASP A 198 13.62 -13.19 9.43
N SER A 199 13.71 -14.37 10.05
CA SER A 199 12.53 -14.92 10.70
C SER A 199 12.19 -14.12 11.95
N GLY A 200 10.89 -14.12 12.30
CA GLY A 200 10.31 -13.21 13.27
C GLY A 200 9.91 -11.86 12.74
N GLY A 201 10.52 -11.39 11.64
CA GLY A 201 10.28 -10.07 11.13
C GLY A 201 8.88 -9.90 10.55
N PRO A 202 8.57 -8.68 10.13
CA PRO A 202 7.19 -8.35 9.74
C PRO A 202 6.89 -8.55 8.26
N LEU A 203 5.62 -8.84 8.00
CA LEU A 203 5.01 -8.76 6.67
C LEU A 203 4.00 -7.62 6.73
N ILE A 204 4.35 -6.50 6.10
CA ILE A 204 3.60 -5.24 6.22
C ILE A 204 2.73 -5.06 4.99
N CYS A 205 1.42 -5.15 5.17
CA CYS A 205 0.47 -4.80 4.13
C CYS A 205 -0.19 -3.46 4.46
N ASN A 206 -0.65 -2.76 3.43
CA ASN A 206 -1.33 -1.48 3.60
C ASN A 206 -2.82 -1.74 3.59
N ILE A 207 -3.46 -1.62 4.75
CA ILE A 207 -4.86 -1.96 4.95
C ILE A 207 -5.56 -0.77 5.59
N GLU A 208 -6.65 -0.30 4.96
CA GLU A 208 -7.38 0.89 5.39
C GLU A 208 -6.44 2.09 5.59
N GLY A 209 -5.49 2.24 4.67
CA GLY A 209 -4.48 3.28 4.76
C GLY A 209 -3.41 3.07 5.79
N ARG A 210 -3.50 2.03 6.60
CA ARG A 210 -2.49 1.81 7.64
C ARG A 210 -1.48 0.77 7.18
N PRO A 211 -0.19 1.05 7.26
CA PRO A 211 0.79 -0.05 7.34
C PRO A 211 0.36 -0.99 8.45
N THR A 212 0.32 -2.28 8.14
CA THR A 212 -0.34 -3.28 8.97
C THR A 212 0.48 -4.56 9.05
N LEU A 213 0.69 -5.06 10.26
CA LEU A 213 1.38 -6.32 10.48
C LEU A 213 0.49 -7.50 10.10
N SER A 214 0.59 -7.97 8.87
CA SER A 214 -0.24 -9.07 8.40
C SER A 214 0.40 -10.44 8.65
N GLY A 215 1.72 -10.52 8.76
CA GLY A 215 2.36 -11.80 8.95
C GLY A 215 3.68 -11.66 9.64
N ILE A 216 4.17 -12.80 10.11
CA ILE A 216 5.46 -12.93 10.77
C ILE A 216 6.22 -14.04 10.05
N VAL A 217 7.42 -13.72 9.58
CA VAL A 217 8.26 -14.68 8.85
C VAL A 217 8.42 -15.95 9.67
N SER A 218 8.02 -17.09 9.09
CA SER A 218 8.04 -18.34 9.82
C SER A 218 8.85 -19.42 9.14
N TRP A 219 8.59 -19.72 7.87
CA TRP A 219 9.37 -20.74 7.16
C TRP A 219 9.25 -20.52 5.67
N GLY A 220 9.99 -21.33 4.91
CA GLY A 220 9.93 -21.35 3.48
C GLY A 220 11.07 -22.20 2.98
N ARG A 221 10.83 -23.03 1.96
CA ARG A 221 11.89 -23.88 1.42
C ARG A 221 12.90 -23.02 0.67
N GLY A 222 14.11 -22.88 1.23
CA GLY A 222 15.06 -21.97 0.61
C GLY A 222 14.58 -20.54 0.66
N CYS A 223 15.04 -19.75 -0.31
CA CYS A 223 14.63 -18.36 -0.41
C CYS A 223 14.46 -18.03 -1.89
N ALA A 224 13.34 -17.40 -2.25
CA ALA A 224 13.06 -17.02 -3.64
C ALA A 224 13.10 -18.21 -4.60
N GLU A 225 12.84 -19.42 -4.10
CA GLU A 225 12.75 -20.57 -4.99
C GLU A 225 11.41 -20.57 -5.69
N LYS A 226 11.41 -21.00 -6.95
CA LYS A 226 10.19 -21.04 -7.74
C LYS A 226 9.18 -22.01 -7.12
N ASN A 227 7.91 -21.59 -7.09
CA ASN A 227 6.83 -22.36 -6.47
C ASN A 227 7.02 -22.57 -4.97
N LYS A 228 7.90 -21.82 -4.29
CA LYS A 228 8.11 -21.97 -2.86
C LYS A 228 8.00 -20.63 -2.14
N PRO A 229 6.79 -20.14 -1.93
CA PRO A 229 6.61 -18.86 -1.24
C PRO A 229 7.24 -18.85 0.14
N GLY A 230 7.53 -17.64 0.60
CA GLY A 230 7.67 -17.42 2.03
C GLY A 230 6.35 -17.65 2.74
N VAL A 231 6.41 -18.28 3.91
CA VAL A 231 5.23 -18.60 4.71
C VAL A 231 5.26 -17.78 5.98
N TYR A 232 4.10 -17.21 6.33
CA TYR A 232 3.97 -16.24 7.41
C TYR A 232 2.83 -16.65 8.33
N THR A 233 3.05 -16.49 9.65
CA THR A 233 1.96 -16.62 10.61
C THR A 233 0.88 -15.59 10.29
N ARG A 234 -0.35 -16.06 10.03
CA ARG A 234 -1.41 -15.10 9.71
C ARG A 234 -1.86 -14.38 10.97
N VAL A 235 -1.29 -13.19 11.19
CA VAL A 235 -1.53 -12.46 12.44
C VAL A 235 -3.01 -12.25 12.70
N SER A 236 -3.78 -11.90 11.67
CA SER A 236 -5.20 -11.63 11.88
C SER A 236 -5.88 -12.77 12.64
N HIS A 237 -5.37 -14.00 12.48
CA HIS A 237 -5.97 -15.14 13.16
C HIS A 237 -5.79 -15.10 14.68
N PHE A 238 -4.79 -14.37 15.16
CA PHE A 238 -4.40 -14.40 16.56
C PHE A 238 -4.76 -13.11 17.28
N LEU A 239 -5.62 -12.29 16.68
CA LEU A 239 -5.90 -10.97 17.24
C LEU A 239 -6.41 -11.06 18.67
N ASP A 240 -7.30 -12.02 18.94
CA ASP A 240 -7.81 -12.16 20.30
C ASP A 240 -6.84 -12.88 21.21
N TRP A 241 -5.95 -13.73 20.68
CA TRP A 241 -4.82 -14.19 21.48
C TRP A 241 -3.95 -13.03 21.92
N ILE A 242 -3.57 -12.18 20.96
CA ILE A 242 -2.74 -11.02 21.24
C ILE A 242 -3.43 -10.08 22.21
N GLN A 243 -4.69 -9.73 21.93
CA GLN A 243 -5.38 -8.76 22.78
C GLN A 243 -5.51 -9.28 24.20
N SER A 244 -5.76 -10.59 24.36
CA SER A 244 -5.93 -11.09 25.73
C SER A 244 -4.64 -11.11 26.52
N HIS A 245 -3.48 -10.95 25.89
CA HIS A 245 -2.23 -10.89 26.64
C HIS A 245 -1.71 -9.47 26.84
N ILE A 246 -1.86 -8.58 25.85
CA ILE A 246 -1.28 -7.25 25.93
C ILE A 246 -2.27 -6.15 26.34
N GLY A 247 -3.57 -6.37 26.12
CA GLY A 247 -4.57 -5.35 26.41
C GLY A 247 -4.56 -4.83 27.83
N CYS B 1 14.94 -28.83 14.27
CA CYS B 1 14.78 -27.88 13.17
C CYS B 1 14.06 -28.48 11.98
N PRO B 2 12.87 -27.97 11.69
CA PRO B 2 12.13 -28.42 10.51
C PRO B 2 12.87 -28.03 9.24
N ALA B 3 12.70 -28.86 8.20
CA ALA B 3 13.54 -28.73 7.01
C ALA B 3 13.47 -27.34 6.37
N TYR B 4 12.35 -26.62 6.51
CA TYR B 4 12.13 -25.35 5.82
C TYR B 4 12.28 -24.15 6.75
N SER B 5 12.99 -24.32 7.87
CA SER B 5 13.22 -23.20 8.75
C SER B 5 13.95 -22.09 7.98
N ARG B 6 13.65 -20.84 8.34
CA ARG B 6 14.45 -19.67 8.01
C ARG B 6 15.08 -19.06 9.25
N TYR B 7 15.31 -19.87 10.28
CA TYR B 7 15.84 -19.41 11.56
C TYR B 7 17.36 -19.44 11.55
N ILE B 8 17.98 -18.32 11.94
CA ILE B 8 19.44 -18.20 12.04
C ILE B 8 20.07 -19.38 12.79
N GLY B 9 19.36 -19.95 13.77
CA GLY B 9 19.94 -21.06 14.49
C GLY B 9 19.60 -22.45 13.98
N CYS B 10 19.20 -22.58 12.72
CA CYS B 10 18.79 -23.90 12.19
C CYS B 10 19.61 -24.32 10.99
N ILE C 1 -9.11 22.58 -12.47
CA ILE C 1 -10.07 22.79 -11.40
C ILE C 1 -10.63 24.23 -11.39
N VAL C 2 -11.91 24.36 -11.72
CA VAL C 2 -12.60 25.64 -11.69
C VAL C 2 -13.10 25.92 -10.27
N GLY C 3 -12.93 27.17 -9.83
CA GLY C 3 -13.29 27.42 -8.46
C GLY C 3 -12.28 26.77 -7.52
N GLY C 4 -12.69 26.65 -6.26
CA GLY C 4 -11.80 26.06 -5.28
C GLY C 4 -10.60 26.96 -4.97
N GLU C 5 -9.49 26.32 -4.61
CA GLU C 5 -8.33 27.03 -4.08
C GLU C 5 -7.08 26.20 -4.33
N PHE C 6 -5.93 26.89 -4.37
CA PHE C 6 -4.67 26.19 -4.45
C PHE C 6 -4.38 25.49 -3.12
N THR C 7 -3.64 24.38 -3.20
CA THR C 7 -3.29 23.60 -2.02
C THR C 7 -2.01 22.83 -2.29
N GLU C 8 -1.33 22.47 -1.21
CA GLU C 8 -0.20 21.55 -1.25
C GLU C 8 -0.70 20.10 -1.19
N VAL C 9 0.14 19.17 -1.69
CA VAL C 9 -0.30 17.78 -1.78
C VAL C 9 -0.70 17.23 -0.42
N GLU C 10 -0.24 17.87 0.67
CA GLU C 10 -0.58 17.36 1.99
C GLU C 10 -2.09 17.25 2.18
N ASN C 11 -2.88 18.06 1.48
CA ASN C 11 -4.32 17.91 1.54
C ASN C 11 -4.86 16.89 0.55
N GLN C 12 -4.07 16.47 -0.44
CA GLN C 12 -4.48 15.41 -1.38
C GLN C 12 -3.36 14.41 -1.56
N PRO C 13 -2.86 13.82 -0.47
CA PRO C 13 -1.60 13.05 -0.53
C PRO C 13 -1.69 11.81 -1.41
N TRP C 14 -2.89 11.45 -1.85
CA TRP C 14 -3.07 10.31 -2.74
C TRP C 14 -2.95 10.71 -4.19
N PHE C 15 -2.91 12.02 -4.46
CA PHE C 15 -2.93 12.49 -5.84
C PHE C 15 -1.67 12.05 -6.57
N ALA C 16 -1.86 11.42 -7.72
CA ALA C 16 -0.77 10.89 -8.53
C ALA C 16 -0.70 11.72 -9.81
N ALA C 17 0.51 12.17 -10.16
CA ALA C 17 0.71 13.00 -11.33
C ALA C 17 1.34 12.14 -12.42
N ILE C 18 0.63 11.98 -13.54
CA ILE C 18 0.97 11.01 -14.57
C ILE C 18 1.46 11.74 -15.82
N TYR C 19 2.68 11.45 -16.24
CA TYR C 19 3.33 12.13 -17.36
C TYR C 19 3.64 11.15 -18.49
N GLN C 20 3.68 11.68 -19.71
CA GLN C 20 4.04 10.92 -20.90
C GLN C 20 5.42 11.35 -21.37
N LYS C 21 6.29 10.37 -21.61
CA LYS C 21 7.64 10.68 -22.05
C LYS C 21 7.64 11.21 -23.49
N ASN C 22 8.71 11.90 -23.82
CA ASN C 22 8.93 12.44 -25.15
C ASN C 22 10.31 12.03 -25.65
N LYS C 23 10.64 12.42 -26.88
CA LYS C 23 12.00 12.25 -27.37
C LYS C 23 12.81 13.54 -27.19
N SER C 26 14.56 15.79 -23.87
CA SER C 26 13.26 16.44 -23.90
C SER C 26 12.29 15.91 -22.80
N PRO C 27 11.70 16.83 -22.04
CA PRO C 27 11.11 16.47 -20.76
C PRO C 27 9.69 15.94 -20.91
N PRO C 28 9.23 15.12 -19.96
CA PRO C 28 7.90 14.51 -20.08
C PRO C 28 6.79 15.52 -19.83
N SER C 29 5.67 15.29 -20.51
CA SER C 29 4.53 16.20 -20.49
C SER C 29 3.45 15.68 -19.55
N PHE C 30 2.90 16.56 -18.73
CA PHE C 30 1.81 16.15 -17.86
C PHE C 30 0.59 15.75 -18.70
N LYS C 31 -0.02 14.64 -18.34
CA LYS C 31 -1.15 14.14 -19.13
C LYS C 31 -2.45 14.08 -18.35
N CYS C 32 -2.44 13.53 -17.13
CA CYS C 32 -3.63 13.55 -16.30
C CYS C 32 -3.33 13.02 -14.91
N GLY C 33 -4.34 13.10 -14.04
CA GLY C 33 -4.16 12.74 -12.65
C GLY C 33 -4.44 11.28 -12.39
N GLY C 34 -4.20 10.88 -11.15
CA GLY C 34 -4.55 9.55 -10.70
C GLY C 34 -4.57 9.56 -9.19
N SER C 35 -4.86 8.39 -8.63
CA SER C 35 -5.01 8.22 -7.19
C SER C 35 -4.25 6.98 -6.75
N LEU C 36 -3.50 7.12 -5.66
CA LEU C 36 -2.76 6.02 -5.06
C LEU C 36 -3.72 5.16 -4.24
N ILE C 37 -4.12 4.00 -4.77
CA ILE C 37 -5.06 3.14 -4.05
C ILE C 37 -4.37 2.07 -3.23
N SER C 38 -3.06 1.91 -3.41
CA SER C 38 -2.23 1.00 -2.64
C SER C 38 -0.78 1.34 -2.97
N PRO C 39 0.14 0.99 -2.11
CA PRO C 39 1.51 1.49 -2.30
C PRO C 39 2.10 1.21 -3.66
N CYS C 40 1.60 0.19 -4.36
CA CYS C 40 2.16 -0.22 -5.64
C CYS C 40 1.21 0.04 -6.80
N TRP C 41 0.07 0.69 -6.55
CA TRP C 41 -0.97 0.77 -7.55
C TRP C 41 -1.61 2.14 -7.57
N VAL C 42 -1.78 2.66 -8.78
CA VAL C 42 -2.39 3.97 -9.03
C VAL C 42 -3.61 3.74 -9.89
N ALA C 43 -4.71 4.40 -9.56
CA ALA C 43 -5.94 4.33 -10.35
C ALA C 43 -6.11 5.63 -11.15
N SER C 44 -6.37 5.49 -12.45
CA SER C 44 -6.51 6.65 -13.32
C SER C 44 -7.61 6.36 -14.34
N ALA C 45 -7.69 7.16 -15.38
CA ALA C 45 -8.73 6.97 -16.40
C ALA C 45 -8.13 6.31 -17.63
N ALA C 46 -8.86 5.35 -18.20
CA ALA C 46 -8.34 4.61 -19.35
C ALA C 46 -8.05 5.54 -20.52
N HIS C 47 -8.88 6.56 -20.73
CA HIS C 47 -8.73 7.46 -21.89
C HIS C 47 -7.38 8.15 -21.90
N CYS C 48 -6.71 8.22 -20.75
CA CYS C 48 -5.38 8.79 -20.66
C CYS C 48 -4.32 7.95 -21.34
N PHE C 49 -4.62 6.71 -21.70
CA PHE C 49 -3.59 5.79 -22.15
C PHE C 49 -3.93 5.09 -23.44
N ILE C 50 -5.13 5.24 -23.97
CA ILE C 50 -5.60 4.43 -25.09
C ILE C 50 -4.85 4.77 -26.39
N GLN C 51 -4.31 5.99 -26.52
CA GLN C 51 -3.63 6.35 -27.77
C GLN C 51 -2.29 5.64 -27.89
N LEU C 52 -1.54 5.54 -26.79
CA LEU C 52 -0.27 4.81 -26.80
C LEU C 52 -0.24 3.99 -25.52
N PRO C 53 -0.77 2.76 -25.57
CA PRO C 53 -0.92 1.98 -24.34
C PRO C 53 0.29 1.15 -23.95
N LYS C 54 1.49 1.69 -24.14
CA LYS C 54 2.72 1.01 -23.74
C LYS C 54 3.21 1.62 -22.43
N LYS C 55 3.48 0.75 -21.45
CA LYS C 55 3.82 1.21 -20.11
C LYS C 55 5.10 2.04 -20.08
N GLU C 56 6.05 1.73 -20.97
CA GLU C 56 7.35 2.41 -21.03
C GLU C 56 7.24 3.89 -21.37
N ASN C 57 6.08 4.32 -21.85
CA ASN C 57 5.86 5.69 -22.27
C ASN C 57 5.40 6.61 -21.15
N TYR C 58 5.21 6.09 -19.93
CA TYR C 58 4.63 6.87 -18.85
C TYR C 58 5.52 6.82 -17.62
N VAL C 59 5.44 7.90 -16.83
CA VAL C 59 6.13 8.01 -15.55
C VAL C 59 5.18 8.71 -14.60
N VAL C 60 5.04 8.16 -13.39
CA VAL C 60 4.12 8.64 -12.37
C VAL C 60 4.93 9.33 -11.28
N TYR C 61 4.51 10.53 -10.89
CA TYR C 61 5.12 11.25 -9.77
C TYR C 61 4.11 11.34 -8.63
N LEU C 62 4.52 10.92 -7.43
CA LEU C 62 3.76 11.18 -6.22
C LEU C 62 4.36 12.33 -5.43
N GLY C 63 3.51 13.00 -4.66
CA GLY C 63 3.95 14.02 -3.73
C GLY C 63 4.16 15.38 -4.35
N GLN C 64 3.45 15.70 -5.43
CA GLN C 64 3.69 16.91 -6.20
C GLN C 64 2.61 17.94 -5.88
N SER C 65 3.02 19.10 -5.40
CA SER C 65 2.17 20.26 -5.34
C SER C 65 2.28 21.10 -6.60
N LYS C 66 3.35 20.92 -7.36
CA LYS C 66 3.63 21.78 -8.50
C LYS C 66 4.05 20.90 -9.66
N GLU C 67 3.25 20.93 -10.72
CA GLU C 67 3.45 20.08 -11.88
C GLU C 67 4.76 20.43 -12.57
N SER C 68 5.45 19.40 -13.07
CA SER C 68 6.63 19.58 -13.93
C SER C 68 7.71 20.40 -13.24
N SER C 69 7.91 20.17 -11.95
CA SER C 69 8.94 20.93 -11.25
C SER C 69 9.34 20.22 -9.98
N TYR C 70 10.25 20.85 -9.26
CA TYR C 70 10.76 20.28 -8.04
C TYR C 70 9.70 20.32 -6.93
N ASN C 71 9.60 19.23 -6.20
CA ASN C 71 8.75 19.14 -5.02
C ASN C 71 9.53 18.32 -4.00
N PRO C 72 9.92 18.91 -2.87
CA PRO C 72 10.67 18.14 -1.89
C PRO C 72 9.80 17.00 -1.41
N GLY C 73 10.41 15.81 -1.27
CA GLY C 73 9.69 14.62 -0.87
C GLY C 73 8.99 13.87 -1.99
N GLU C 74 9.00 14.40 -3.22
CA GLU C 74 8.52 13.72 -4.42
C GLU C 74 9.08 12.31 -4.54
N MET C 75 8.29 11.40 -5.10
CA MET C 75 8.82 10.11 -5.53
C MET C 75 8.48 9.86 -7.00
N LYS C 76 9.47 9.38 -7.74
CA LYS C 76 9.35 9.11 -9.17
C LYS C 76 9.21 7.61 -9.40
N PHE C 77 8.25 7.23 -10.26
CA PHE C 77 7.96 5.82 -10.49
C PHE C 77 7.89 5.53 -11.98
N GLU C 78 8.29 4.33 -12.34
CA GLU C 78 7.96 3.80 -13.66
C GLU C 78 6.74 2.89 -13.53
N VAL C 79 6.17 2.56 -14.68
CA VAL C 79 4.92 1.80 -14.74
C VAL C 79 5.30 0.40 -15.21
N GLU C 80 5.37 -0.54 -14.28
CA GLU C 80 5.66 -1.91 -14.71
C GLU C 80 4.41 -2.66 -15.13
N GLN C 81 3.22 -2.14 -14.87
CA GLN C 81 2.01 -2.72 -15.45
C GLN C 81 0.98 -1.64 -15.73
N LEU C 82 0.47 -1.61 -16.95
CA LEU C 82 -0.55 -0.65 -17.37
C LEU C 82 -1.79 -1.42 -17.83
N ILE C 83 -2.84 -1.41 -17.02
CA ILE C 83 -4.01 -2.27 -17.24
C ILE C 83 -5.21 -1.39 -17.57
N LEU C 84 -5.68 -1.48 -18.80
CA LEU C 84 -6.82 -0.72 -19.27
C LEU C 84 -8.05 -1.61 -19.22
N HIS C 85 -9.16 -1.05 -18.77
CA HIS C 85 -10.33 -1.89 -18.58
C HIS C 85 -10.78 -2.49 -19.90
N GLU C 86 -11.37 -3.69 -19.80
CA GLU C 86 -11.58 -4.55 -20.96
C GLU C 86 -12.37 -3.85 -22.06
N TYR C 87 -13.45 -3.18 -21.69
CA TYR C 87 -14.42 -2.75 -22.68
C TYR C 87 -14.50 -1.23 -22.73
N TYR C 88 -13.34 -0.59 -22.60
CA TYR C 88 -13.26 0.85 -22.74
C TYR C 88 -13.51 1.27 -24.17
N ARG C 89 -14.27 2.35 -24.33
CA ARG C 89 -14.57 2.95 -25.62
C ARG C 89 -15.01 4.39 -25.38
N GLU C 90 -14.79 5.23 -26.38
CA GLU C 90 -15.47 6.52 -26.42
C GLU C 90 -16.59 6.42 -27.44
N ASP C 91 -17.58 7.32 -27.33
CA ASP C 91 -18.74 7.24 -28.22
C ASP C 91 -19.14 8.60 -28.79
N SER C 92 -18.20 9.52 -28.97
CA SER C 92 -18.43 10.83 -29.56
C SER C 92 -19.09 11.80 -28.59
N LEU C 93 -19.61 11.34 -27.47
CA LEU C 93 -19.98 12.25 -26.40
C LEU C 93 -19.19 12.04 -25.12
N ALA C 94 -18.78 10.81 -24.81
CA ALA C 94 -18.20 10.54 -23.50
C ALA C 94 -17.36 9.26 -23.56
N TYR C 95 -16.93 8.80 -22.39
CA TYR C 95 -16.13 7.60 -22.24
C TYR C 95 -16.92 6.53 -21.50
N HIS C 96 -16.74 5.28 -21.92
CA HIS C 96 -17.28 4.12 -21.23
C HIS C 96 -16.15 3.33 -20.59
N ASN C 97 -16.42 2.76 -19.42
CA ASN C 97 -15.47 1.88 -18.71
C ASN C 97 -14.12 2.56 -18.58
N ASP C 98 -14.15 3.82 -18.13
CA ASP C 98 -13.00 4.70 -18.17
C ASP C 98 -12.19 4.57 -16.88
N ILE C 99 -11.35 3.54 -16.85
CA ILE C 99 -10.55 3.26 -15.66
C ILE C 99 -9.36 2.41 -16.06
N ALA C 100 -8.21 2.74 -15.46
CA ALA C 100 -6.96 2.05 -15.70
C ALA C 100 -6.26 1.87 -14.35
N LEU C 101 -5.40 0.86 -14.30
CA LEU C 101 -4.56 0.59 -13.16
C LEU C 101 -3.12 0.63 -13.62
N LEU C 102 -2.29 1.35 -12.87
CA LEU C 102 -0.86 1.41 -13.13
C LEU C 102 -0.16 0.82 -11.93
N LYS C 103 0.65 -0.22 -12.15
CA LYS C 103 1.51 -0.73 -11.10
C LYS C 103 2.84 -0.01 -11.23
N ILE C 104 3.31 0.57 -10.13
CA ILE C 104 4.39 1.53 -10.14
C ILE C 104 5.55 0.98 -9.30
N ARG C 105 6.77 1.14 -9.80
CA ARG C 105 7.93 0.75 -9.02
C ARG C 105 9.04 1.77 -9.22
N THR C 106 9.71 2.12 -8.12
CA THR C 106 10.86 3.02 -8.23
C THR C 106 11.98 2.37 -9.02
N SER C 107 12.81 3.21 -9.63
CA SER C 107 14.02 2.80 -10.32
C SER C 107 14.84 1.77 -9.56
N THR C 108 14.55 1.59 -8.27
CA THR C 108 15.23 0.63 -7.42
C THR C 108 14.35 -0.54 -7.02
N GLY C 109 13.11 -0.62 -7.52
CA GLY C 109 12.22 -1.71 -7.22
C GLY C 109 11.26 -1.50 -6.07
N GLN C 110 11.28 -0.33 -5.42
CA GLN C 110 10.38 -0.06 -4.30
C GLN C 110 9.04 0.47 -4.80
N CYS C 111 8.06 0.48 -3.90
CA CYS C 111 6.77 1.11 -4.09
C CYS C 111 6.72 2.40 -3.27
N ALA C 112 5.54 3.00 -3.22
CA ALA C 112 5.39 4.27 -2.54
C ALA C 112 5.70 4.11 -1.06
N GLN C 113 6.40 5.10 -0.52
CA GLN C 113 6.70 5.16 0.90
C GLN C 113 5.85 6.26 1.52
N PRO C 114 4.95 5.96 2.44
CA PRO C 114 4.07 7.02 2.95
C PRO C 114 4.86 8.12 3.64
N SER C 115 4.27 9.30 3.69
CA SER C 115 4.90 10.49 4.27
C SER C 115 3.80 11.54 4.45
N ARG C 116 4.21 12.76 4.78
CA ARG C 116 3.26 13.86 4.91
C ARG C 116 2.56 14.15 3.58
N SER C 117 3.21 13.86 2.45
CA SER C 117 2.70 14.25 1.15
C SER C 117 2.37 13.06 0.24
N ILE C 118 2.46 11.82 0.73
CA ILE C 118 2.22 10.61 -0.06
C ILE C 118 1.44 9.65 0.83
N GLN C 119 0.16 9.42 0.50
CA GLN C 119 -0.70 8.52 1.26
C GLN C 119 -1.57 7.72 0.29
N THR C 120 -1.89 6.48 0.66
CA THR C 120 -2.90 5.76 -0.10
C THR C 120 -4.29 6.26 0.27
N ILE C 121 -5.25 5.99 -0.61
CA ILE C 121 -6.64 6.31 -0.34
C ILE C 121 -7.44 5.02 -0.40
N ALA C 122 -8.55 5.00 0.32
CA ALA C 122 -9.34 3.78 0.49
C ALA C 122 -10.26 3.59 -0.69
N LEU C 123 -10.27 2.38 -1.22
CA LEU C 123 -11.35 1.96 -2.10
C LEU C 123 -12.66 1.85 -1.28
N PRO C 124 -13.80 2.07 -1.91
CA PRO C 124 -15.07 1.86 -1.21
C PRO C 124 -15.38 0.37 -1.15
N PRO C 125 -16.26 -0.05 -0.24
CA PRO C 125 -16.92 -1.36 -0.41
C PRO C 125 -18.00 -1.26 -1.48
N ARG C 126 -19.28 -1.58 -1.17
CA ARG C 126 -20.36 -1.28 -2.11
C ARG C 126 -21.72 -1.31 -1.41
N PHE C 127 -21.72 -1.40 -0.07
CA PHE C 127 -22.95 -1.68 0.70
C PHE C 127 -23.37 -0.47 1.54
N THR C 128 -22.84 -0.38 2.76
CA THR C 128 -23.02 0.77 3.65
C THR C 128 -24.47 0.98 4.10
N ASP C 129 -24.77 0.63 5.36
CA ASP C 129 -26.05 0.95 5.97
C ASP C 129 -25.90 2.26 6.74
N ALA C 130 -26.87 3.17 6.57
CA ALA C 130 -26.75 4.62 6.77
C ALA C 130 -25.87 5.17 5.65
N PRO C 131 -26.40 6.08 4.81
CA PRO C 131 -25.79 6.35 3.49
C PRO C 131 -24.40 6.99 3.53
N PHE C 132 -23.82 7.27 2.35
CA PHE C 132 -22.72 8.22 2.24
C PHE C 132 -23.27 9.57 1.79
N GLY C 133 -22.65 10.64 2.27
CA GLY C 133 -23.17 11.98 2.11
C GLY C 133 -23.20 12.48 0.68
N SER C 134 -22.97 13.78 0.49
CA SER C 134 -22.93 14.26 -0.88
C SER C 134 -22.00 15.47 -1.07
N ASP C 135 -21.02 15.69 -0.18
CA ASP C 135 -19.93 16.64 -0.44
C ASP C 135 -18.67 15.84 -0.71
N CYS C 136 -18.16 15.90 -1.93
CA CYS C 136 -16.94 15.19 -2.26
C CYS C 136 -15.87 16.16 -2.78
N GLU C 137 -14.63 15.73 -2.64
CA GLU C 137 -13.49 16.57 -3.02
C GLU C 137 -12.92 16.15 -4.36
N ILE C 138 -12.45 17.14 -5.10
CA ILE C 138 -11.77 16.94 -6.37
C ILE C 138 -10.41 17.64 -6.29
N THR C 139 -9.49 17.23 -7.16
CA THR C 139 -8.22 17.94 -7.24
C THR C 139 -7.55 17.68 -8.59
N GLY C 140 -6.56 18.50 -8.90
CA GLY C 140 -5.76 18.29 -10.10
C GLY C 140 -5.06 19.55 -10.57
N PHE C 141 -4.40 19.40 -11.72
CA PHE C 141 -3.68 20.47 -12.39
C PHE C 141 -4.46 21.03 -13.58
N GLY C 142 -5.74 20.70 -13.68
CA GLY C 142 -6.53 21.08 -14.84
C GLY C 142 -6.83 22.56 -14.89
N LYS C 143 -7.39 22.95 -16.04
CA LYS C 143 -7.70 24.33 -16.35
C LYS C 143 -8.51 24.98 -15.22
N GLU C 144 -8.39 26.30 -15.13
CA GLU C 144 -9.14 27.03 -14.12
C GLU C 144 -10.47 27.57 -14.64
N SER C 145 -10.74 27.41 -15.94
CA SER C 145 -12.07 27.59 -16.51
C SER C 145 -12.05 27.05 -17.93
N GLU C 146 -13.26 26.73 -18.42
CA GLU C 146 -13.43 26.15 -19.75
C GLU C 146 -12.75 26.99 -20.82
N SER C 147 -12.86 28.32 -20.72
CA SER C 147 -12.35 29.24 -21.72
C SER C 147 -10.85 29.47 -21.62
N ASP C 148 -10.24 29.05 -20.51
CA ASP C 148 -8.81 29.24 -20.34
C ASP C 148 -8.05 28.42 -21.37
N TYR C 149 -7.16 29.10 -22.09
CA TYR C 149 -5.94 28.47 -22.52
C TYR C 149 -4.98 28.52 -21.34
N LEU C 150 -3.95 27.69 -21.38
CA LEU C 150 -2.95 27.67 -20.32
C LEU C 150 -3.48 27.02 -19.05
N TYR C 151 -2.57 26.36 -18.35
CA TYR C 151 -2.86 25.51 -17.22
C TYR C 151 -2.09 26.00 -16.00
N PRO C 152 -2.60 25.74 -14.79
CA PRO C 152 -2.09 26.44 -13.60
C PRO C 152 -0.86 25.87 -12.90
N LYS C 153 -0.30 24.73 -13.33
CA LYS C 153 0.98 24.28 -12.76
C LYS C 153 0.99 23.99 -11.25
N ASN C 154 0.32 24.83 -10.44
CA ASN C 154 0.17 24.56 -9.00
C ASN C 154 -1.12 23.78 -8.72
N LEU C 155 -1.07 22.89 -7.73
CA LEU C 155 -2.19 22.00 -7.45
C LEU C 155 -3.39 22.75 -6.87
N LYS C 156 -4.60 22.36 -7.30
CA LYS C 156 -5.83 22.94 -6.78
C LYS C 156 -6.77 21.86 -6.29
N MET C 157 -7.59 22.22 -5.31
CA MET C 157 -8.66 21.35 -4.85
C MET C 157 -9.94 22.17 -4.69
N SER C 158 -11.07 21.46 -4.62
CA SER C 158 -12.37 22.07 -4.37
C SER C 158 -13.32 20.98 -3.84
N VAL C 159 -14.57 21.38 -3.62
CA VAL C 159 -15.58 20.47 -3.09
C VAL C 159 -16.78 20.54 -4.03
N VAL C 160 -17.40 19.38 -4.27
CA VAL C 160 -18.57 19.28 -5.14
C VAL C 160 -19.60 18.38 -4.47
N LYS C 161 -20.81 18.43 -4.99
CA LYS C 161 -21.93 17.67 -4.46
C LYS C 161 -22.34 16.57 -5.43
N LEU C 162 -22.54 15.36 -4.88
CA LEU C 162 -23.02 14.21 -5.62
C LEU C 162 -24.46 14.46 -6.09
N VAL C 163 -24.63 14.61 -7.42
CA VAL C 163 -25.94 14.72 -8.05
C VAL C 163 -26.55 13.33 -8.14
N SER C 164 -27.88 13.25 -8.05
CA SER C 164 -28.53 11.94 -8.05
C SER C 164 -28.57 11.35 -9.45
N HIS C 165 -28.47 10.02 -9.51
CA HIS C 165 -28.35 9.32 -10.79
C HIS C 165 -29.48 9.72 -11.73
N GLU C 166 -30.72 9.67 -11.24
CA GLU C 166 -31.87 9.91 -12.11
C GLU C 166 -32.17 11.40 -12.28
N GLN C 167 -31.55 12.26 -11.48
CA GLN C 167 -31.51 13.67 -11.84
C GLN C 167 -30.56 13.91 -12.99
N CYS C 168 -29.38 13.28 -12.93
CA CYS C 168 -28.38 13.46 -13.98
C CYS C 168 -28.84 12.93 -15.33
N MET C 169 -29.80 11.99 -15.36
CA MET C 169 -30.28 11.41 -16.60
C MET C 169 -31.36 12.25 -17.29
N GLN C 170 -31.72 13.41 -16.75
CA GLN C 170 -32.77 14.21 -17.33
C GLN C 170 -32.36 14.70 -18.72
N PRO C 171 -33.35 15.04 -19.56
CA PRO C 171 -33.00 15.66 -20.85
C PRO C 171 -32.14 16.92 -20.70
N HIS C 172 -32.55 17.86 -19.85
CA HIS C 172 -31.80 19.11 -19.65
C HIS C 172 -30.34 18.84 -19.30
N TYR C 173 -30.02 17.66 -18.78
CA TYR C 173 -28.67 17.31 -18.33
C TYR C 173 -27.92 16.49 -19.38
N TYR C 174 -27.57 15.25 -19.07
CA TYR C 174 -26.89 14.38 -20.01
C TYR C 174 -27.80 13.31 -20.60
N GLY C 175 -29.04 13.22 -20.13
CA GLY C 175 -30.01 12.36 -20.79
C GLY C 175 -29.64 10.90 -20.68
N SER C 176 -29.85 10.18 -21.79
CA SER C 176 -29.62 8.74 -21.84
C SER C 176 -28.15 8.39 -21.69
N GLU C 177 -27.26 9.37 -21.68
CA GLU C 177 -25.85 9.07 -21.64
C GLU C 177 -25.38 8.63 -20.25
N ILE C 178 -26.18 8.86 -19.22
CA ILE C 178 -25.80 8.50 -17.86
C ILE C 178 -26.29 7.08 -17.56
N ASN C 179 -25.39 6.23 -17.08
CA ASN C 179 -25.78 4.89 -16.65
C ASN C 179 -25.19 4.61 -15.26
N TYR C 180 -25.48 3.40 -14.76
CA TYR C 180 -25.18 3.04 -13.39
C TYR C 180 -23.69 2.97 -13.11
N LYS C 181 -22.86 2.84 -14.13
CA LYS C 181 -21.41 2.85 -13.96
C LYS C 181 -20.83 4.27 -13.88
N MET C 182 -21.67 5.28 -13.97
CA MET C 182 -21.22 6.66 -13.93
C MET C 182 -21.73 7.36 -12.68
N LEU C 183 -20.91 8.26 -12.17
CA LEU C 183 -21.20 9.07 -11.00
C LEU C 183 -21.13 10.54 -11.41
N CYS C 184 -22.18 11.28 -11.10
CA CYS C 184 -22.27 12.71 -11.38
C CYS C 184 -21.96 13.51 -10.13
N ALA C 185 -21.29 14.64 -10.30
CA ALA C 185 -20.98 15.55 -9.21
C ALA C 185 -20.90 16.97 -9.75
N ALA C 186 -21.43 17.92 -8.99
CA ALA C 186 -21.51 19.29 -9.45
C ALA C 186 -21.68 20.21 -8.26
N ASP C 187 -21.78 21.48 -8.53
CA ASP C 187 -21.99 22.36 -7.40
C ASP C 187 -23.34 23.05 -7.52
N PRO C 188 -24.09 23.16 -6.40
CA PRO C 188 -25.42 23.77 -6.44
C PRO C 188 -25.53 24.99 -7.33
N GLU C 189 -24.57 25.90 -7.19
CA GLU C 189 -24.54 27.14 -7.95
C GLU C 189 -23.61 27.06 -9.15
N TRP C 190 -23.10 25.88 -9.47
CA TRP C 190 -22.04 25.71 -10.47
C TRP C 190 -20.83 26.60 -10.14
N LYS C 191 -20.59 26.81 -8.83
CA LYS C 191 -19.35 27.43 -8.36
C LYS C 191 -18.14 26.80 -9.05
N THR C 192 -18.01 25.48 -8.88
CA THR C 192 -16.78 24.74 -9.08
C THR C 192 -17.06 23.54 -9.98
N ASP C 193 -15.97 22.87 -10.37
CA ASP C 193 -16.01 21.67 -11.20
C ASP C 193 -14.59 21.20 -11.47
N SER C 194 -14.38 19.91 -11.70
CA SER C 194 -13.17 19.47 -12.37
C SER C 194 -13.18 20.03 -13.78
N CYS C 195 -12.02 20.03 -14.43
CA CYS C 195 -11.93 20.63 -15.76
C CYS C 195 -10.89 19.88 -16.57
N LYS C 196 -10.73 20.32 -17.82
CA LYS C 196 -9.77 19.71 -18.74
C LYS C 196 -8.39 19.64 -18.11
N GLY C 197 -7.79 18.46 -18.18
CA GLY C 197 -6.53 18.23 -17.51
C GLY C 197 -6.64 17.71 -16.10
N ASP C 198 -7.85 17.67 -15.53
CA ASP C 198 -8.09 16.97 -14.27
C ASP C 198 -8.49 15.53 -14.47
N SER C 199 -8.77 15.15 -15.71
CA SER C 199 -9.24 13.80 -16.00
C SER C 199 -8.28 12.78 -15.42
N GLY C 200 -8.81 11.63 -15.01
CA GLY C 200 -8.03 10.63 -14.31
C GLY C 200 -7.87 10.85 -12.82
N GLY C 201 -8.09 12.08 -12.33
CA GLY C 201 -7.97 12.36 -10.91
C GLY C 201 -9.15 11.88 -10.09
N PRO C 202 -9.06 12.09 -8.79
CA PRO C 202 -10.02 11.49 -7.86
C PRO C 202 -11.26 12.35 -7.58
N LEU C 203 -12.37 11.65 -7.40
CA LEU C 203 -13.48 12.18 -6.60
C LEU C 203 -13.44 11.47 -5.26
N ILE C 204 -13.50 12.23 -4.17
CA ILE C 204 -13.25 11.67 -2.85
C ILE C 204 -14.38 12.03 -1.91
N CYS C 205 -15.10 11.02 -1.46
CA CYS C 205 -16.19 11.15 -0.52
C CYS C 205 -15.83 10.42 0.76
N ASN C 206 -16.56 10.71 1.82
CA ASN C 206 -16.37 10.06 3.11
C ASN C 206 -17.33 8.89 3.15
N ILE C 207 -16.79 7.68 3.23
CA ILE C 207 -17.58 6.45 3.25
C ILE C 207 -17.06 5.63 4.43
N GLU C 208 -17.90 5.50 5.46
CA GLU C 208 -17.54 4.82 6.71
C GLU C 208 -16.44 5.59 7.45
N GLY C 209 -16.47 6.92 7.37
CA GLY C 209 -15.51 7.75 8.07
C GLY C 209 -14.20 7.97 7.33
N ARG C 210 -13.76 7.01 6.53
CA ARG C 210 -12.50 7.10 5.79
C ARG C 210 -12.72 7.84 4.48
N PRO C 211 -11.84 8.78 4.11
CA PRO C 211 -11.93 9.35 2.75
C PRO C 211 -11.70 8.26 1.72
N THR C 212 -12.49 8.29 0.65
CA THR C 212 -12.62 7.14 -0.23
C THR C 212 -12.58 7.57 -1.69
N LEU C 213 -11.86 6.81 -2.50
CA LEU C 213 -11.92 7.02 -3.94
C LEU C 213 -13.29 6.63 -4.46
N SER C 214 -14.24 7.55 -4.43
CA SER C 214 -15.54 7.24 -5.01
C SER C 214 -15.54 7.39 -6.54
N GLY C 215 -14.72 8.28 -7.10
CA GLY C 215 -14.81 8.57 -8.52
C GLY C 215 -13.48 8.93 -9.14
N ILE C 216 -13.43 8.78 -10.47
CA ILE C 216 -12.28 9.15 -11.31
C ILE C 216 -12.80 10.05 -12.43
N VAL C 217 -12.19 11.24 -12.56
CA VAL C 217 -12.68 12.25 -13.50
C VAL C 217 -12.69 11.69 -14.91
N SER C 218 -13.86 11.71 -15.56
CA SER C 218 -14.02 11.12 -16.89
C SER C 218 -14.45 12.12 -17.93
N TRP C 219 -15.60 12.80 -17.76
CA TRP C 219 -16.06 13.74 -18.76
C TRP C 219 -17.02 14.76 -18.16
N GLY C 220 -17.40 15.74 -18.99
CA GLY C 220 -18.33 16.79 -18.63
C GLY C 220 -18.38 17.84 -19.71
N ARG C 221 -19.59 18.30 -20.06
CA ARG C 221 -19.73 19.34 -21.08
C ARG C 221 -19.14 20.63 -20.55
N GLY C 222 -18.07 21.10 -21.19
CA GLY C 222 -17.29 22.20 -20.68
C GLY C 222 -16.87 21.95 -19.25
N CYS C 223 -16.74 23.03 -18.49
CA CYS C 223 -16.40 22.94 -17.07
C CYS C 223 -17.31 23.89 -16.31
N ALA C 224 -18.00 23.37 -15.30
CA ALA C 224 -18.86 24.15 -14.42
C ALA C 224 -20.04 24.77 -15.16
N GLU C 225 -20.49 24.15 -16.25
CA GLU C 225 -21.62 24.69 -17.00
C GLU C 225 -22.93 24.30 -16.35
N LYS C 226 -23.89 25.21 -16.45
CA LYS C 226 -25.16 25.03 -15.76
C LYS C 226 -25.85 23.76 -16.25
N ASN C 227 -26.43 23.01 -15.31
CA ASN C 227 -27.15 21.77 -15.51
C ASN C 227 -26.25 20.65 -16.01
N LYS C 228 -24.94 20.90 -16.18
CA LYS C 228 -24.02 19.92 -16.75
C LYS C 228 -22.99 19.51 -15.71
N PRO C 229 -23.20 18.40 -14.99
CA PRO C 229 -22.27 18.01 -13.94
C PRO C 229 -20.99 17.37 -14.47
N GLY C 230 -20.02 17.25 -13.58
CA GLY C 230 -18.86 16.43 -13.86
C GLY C 230 -19.20 14.96 -13.69
N VAL C 231 -18.77 14.16 -14.66
CA VAL C 231 -19.08 12.74 -14.66
C VAL C 231 -17.83 11.96 -14.29
N TYR C 232 -17.97 11.08 -13.31
CA TYR C 232 -16.87 10.34 -12.71
C TYR C 232 -17.15 8.85 -12.87
N THR C 233 -16.12 8.11 -13.29
CA THR C 233 -16.19 6.66 -13.24
C THR C 233 -16.55 6.24 -11.83
N ARG C 234 -17.66 5.51 -11.71
CA ARG C 234 -18.15 5.09 -10.39
C ARG C 234 -17.27 3.94 -9.92
N VAL C 235 -16.32 4.25 -9.02
CA VAL C 235 -15.33 3.25 -8.65
C VAL C 235 -15.96 2.08 -7.91
N SER C 236 -17.07 2.30 -7.18
CA SER C 236 -17.65 1.19 -6.42
C SER C 236 -18.15 0.09 -7.33
N HIS C 237 -18.35 0.36 -8.63
CA HIS C 237 -18.74 -0.67 -9.58
C HIS C 237 -17.57 -1.55 -10.03
N PHE C 238 -16.36 -1.03 -9.96
CA PHE C 238 -15.19 -1.69 -10.53
C PHE C 238 -14.33 -2.39 -9.49
N LEU C 239 -14.89 -2.63 -8.31
CA LEU C 239 -14.12 -3.27 -7.24
C LEU C 239 -13.63 -4.65 -7.64
N ASP C 240 -14.55 -5.51 -8.08
CA ASP C 240 -14.14 -6.84 -8.51
C ASP C 240 -13.04 -6.77 -9.54
N TRP C 241 -13.20 -5.87 -10.52
CA TRP C 241 -12.16 -5.69 -11.51
C TRP C 241 -10.85 -5.23 -10.86
N ILE C 242 -10.91 -4.21 -10.00
CA ILE C 242 -9.71 -3.78 -9.30
C ILE C 242 -9.12 -4.93 -8.51
N GLN C 243 -9.95 -5.57 -7.67
CA GLN C 243 -9.44 -6.61 -6.76
C GLN C 243 -8.79 -7.74 -7.51
N SER C 244 -9.33 -8.10 -8.69
CA SER C 244 -8.72 -9.15 -9.50
C SER C 244 -7.32 -8.78 -9.96
N HIS C 245 -7.02 -7.49 -10.08
CA HIS C 245 -5.71 -7.07 -10.56
C HIS C 245 -4.75 -6.71 -9.43
N ILE C 246 -5.22 -6.01 -8.38
CA ILE C 246 -4.32 -5.67 -7.28
C ILE C 246 -4.35 -6.67 -6.13
N GLY C 247 -5.43 -7.44 -5.99
CA GLY C 247 -5.57 -8.35 -4.86
C GLY C 247 -5.06 -9.71 -5.26
N CYS D 1 -11.58 12.80 -30.47
CA CYS D 1 -12.03 12.93 -29.09
C CYS D 1 -13.55 12.94 -29.02
N PRO D 2 -14.11 12.70 -27.84
CA PRO D 2 -15.58 12.61 -27.74
C PRO D 2 -16.27 13.76 -27.03
N ALA D 3 -15.98 15.00 -27.40
CA ALA D 3 -16.88 16.14 -27.19
C ALA D 3 -16.95 16.64 -25.75
N TYR D 4 -17.38 15.80 -24.82
CA TYR D 4 -17.34 16.21 -23.42
C TYR D 4 -16.07 15.75 -22.74
N SER D 5 -15.03 15.45 -23.50
CA SER D 5 -13.78 14.98 -22.91
C SER D 5 -13.19 16.06 -22.03
N ARG D 6 -12.62 15.65 -20.90
CA ARG D 6 -11.79 16.52 -20.08
C ARG D 6 -10.33 16.08 -20.12
N TYR D 7 -9.98 15.28 -21.12
CA TYR D 7 -8.60 14.92 -21.35
C TYR D 7 -7.81 16.11 -21.90
N ILE D 8 -6.60 16.29 -21.38
CA ILE D 8 -5.74 17.40 -21.76
C ILE D 8 -5.41 17.35 -23.25
N GLY D 9 -5.45 16.18 -23.88
CA GLY D 9 -5.15 16.09 -25.29
C GLY D 9 -6.33 16.24 -26.26
N CYS D 10 -7.40 16.90 -25.83
CA CYS D 10 -8.63 16.94 -26.63
C CYS D 10 -9.15 18.36 -26.79
#